data_1DXF
#
_entry.id   1DXF
#
_cell.length_a   126.400
_cell.length_b   126.400
_cell.length_c   172.000
_cell.angle_alpha   90.00
_cell.angle_beta   90.00
_cell.angle_gamma   120.00
#
_symmetry.space_group_name_H-M   'H 3 2'
#
loop_
_entity.id
_entity.type
_entity.pdbx_description
1 polymer '2-DEHYDRO-3-DEOXY-GALACTARATE ALDOLASE'
2 non-polymer 'PYRUVIC ACID'
3 non-polymer 'MAGNESIUM ION'
4 water water
#
_entity_poly.entity_id   1
_entity_poly.type   'polypeptide(L)'
_entity_poly.pdbx_seq_one_letter_code
;MNNDVFPNKFKAALAAKQVQIGCWSALSNPISTEVLGLAGFDWLVLDGEHAPNDISTFIPQL(MSE)ALKGSASAPVVRV
PTNEPVIIKRLLDIGFYNFLIPFVETKEEAELAVASTRYPPEGIRGVSVSHRAN(MSE)FGTVADYFAQSNKNITILVQI
ESQQGVDNVDAIAATEGVDGIFVGPSDLAAALGHLGNASHPDVQKAIQHIFNRASAHGKPSGILAPVEADARRYLEWGAT
FVAVGSDLGVFRSATQKLADTFKK
;
_entity_poly.pdbx_strand_id   A,B
#
loop_
_chem_comp.id
_chem_comp.type
_chem_comp.name
_chem_comp.formula
MG non-polymer 'MAGNESIUM ION' 'Mg 2'
PYR non-polymer 'PYRUVIC ACID' 'C3 H4 O3'
#
# COMPACT_ATOMS: atom_id res chain seq x y z
N ASP A 4 -26.38 15.05 -0.72
CA ASP A 4 -25.26 16.01 -0.96
C ASP A 4 -24.08 15.64 -0.06
N VAL A 5 -23.46 16.66 0.50
CA VAL A 5 -22.35 16.52 1.42
C VAL A 5 -23.00 16.40 2.80
N PHE A 6 -24.13 17.09 2.94
CA PHE A 6 -24.89 17.12 4.17
C PHE A 6 -26.21 16.42 3.93
N PRO A 7 -26.79 15.77 4.97
CA PRO A 7 -26.24 15.69 6.33
C PRO A 7 -25.12 14.65 6.48
N ASN A 8 -24.22 14.91 7.43
CA ASN A 8 -23.11 14.01 7.71
C ASN A 8 -23.66 12.68 8.23
N LYS A 9 -23.77 11.68 7.36
CA LYS A 9 -24.29 10.38 7.78
C LYS A 9 -23.44 9.70 8.84
N PHE A 10 -22.13 9.88 8.76
CA PHE A 10 -21.22 9.28 9.72
C PHE A 10 -21.53 9.86 11.10
N LYS A 11 -21.66 11.18 11.18
CA LYS A 11 -21.93 11.84 12.43
C LYS A 11 -23.22 11.32 13.05
N ALA A 12 -24.15 10.95 12.19
CA ALA A 12 -25.46 10.44 12.62
C ALA A 12 -25.35 9.01 13.14
N ALA A 13 -24.55 8.19 12.46
CA ALA A 13 -24.38 6.80 12.89
C ALA A 13 -23.81 6.79 14.30
N LEU A 14 -22.85 7.68 14.55
CA LEU A 14 -22.23 7.78 15.85
C LEU A 14 -23.25 8.16 16.91
N ALA A 15 -24.13 9.09 16.57
CA ALA A 15 -25.16 9.56 17.47
C ALA A 15 -26.10 8.42 17.87
N ALA A 16 -26.51 7.63 16.89
CA ALA A 16 -27.40 6.49 17.11
C ALA A 16 -26.55 5.33 17.64
N LYS A 17 -25.34 5.68 18.08
CA LYS A 17 -24.39 4.71 18.61
C LYS A 17 -24.33 3.39 17.88
N GLN A 18 -24.32 3.44 16.54
CA GLN A 18 -24.22 2.23 15.75
C GLN A 18 -22.75 1.85 15.72
N VAL A 19 -22.46 0.57 15.45
CA VAL A 19 -21.08 0.12 15.40
C VAL A 19 -20.42 0.56 14.09
N GLN A 20 -19.36 1.36 14.23
CA GLN A 20 -18.63 1.85 13.08
C GLN A 20 -17.25 1.20 13.06
N ILE A 21 -17.04 0.36 12.06
CA ILE A 21 -15.79 -0.36 11.88
C ILE A 21 -14.84 0.42 10.98
N GLY A 22 -13.73 0.89 11.55
CA GLY A 22 -12.79 1.64 10.76
C GLY A 22 -11.39 1.08 10.62
N CYS A 23 -10.62 1.72 9.74
CA CYS A 23 -9.25 1.31 9.48
C CYS A 23 -8.37 2.56 9.39
N TRP A 24 -7.14 2.44 9.87
CA TRP A 24 -6.19 3.53 9.85
C TRP A 24 -5.46 3.56 8.51
N SER A 25 -5.07 4.74 8.07
CA SER A 25 -4.34 4.87 6.81
C SER A 25 -3.08 5.69 7.05
N ALA A 26 -1.93 5.14 6.66
CA ALA A 26 -0.67 5.83 6.84
C ALA A 26 0.22 5.76 5.60
N LEU A 27 -0.21 4.98 4.61
CA LEU A 27 0.55 4.82 3.37
C LEU A 27 0.68 6.11 2.57
N SER A 28 -0.06 7.13 2.99
CA SER A 28 0.00 8.45 2.41
C SER A 28 0.00 8.58 0.89
N ASN A 29 -0.87 7.86 0.19
CA ASN A 29 -0.94 7.99 -1.26
C ASN A 29 -2.30 7.56 -1.83
N PRO A 30 -2.73 8.22 -2.92
CA PRO A 30 -4.01 7.99 -3.60
C PRO A 30 -4.21 6.61 -4.22
N ILE A 31 -3.13 5.97 -4.65
CA ILE A 31 -3.23 4.68 -5.28
C ILE A 31 -3.71 3.59 -4.34
N SER A 32 -3.01 3.40 -3.22
CA SER A 32 -3.40 2.37 -2.28
C SER A 32 -4.65 2.77 -1.52
N THR A 33 -4.81 4.06 -1.30
CA THR A 33 -5.98 4.53 -0.58
C THR A 33 -7.27 4.31 -1.39
N GLU A 34 -7.19 4.34 -2.71
CA GLU A 34 -8.40 4.10 -3.49
C GLU A 34 -8.81 2.64 -3.29
N VAL A 35 -7.82 1.76 -3.20
CA VAL A 35 -8.09 0.34 -3.01
C VAL A 35 -8.66 0.10 -1.62
N LEU A 36 -8.11 0.84 -0.65
CA LEU A 36 -8.54 0.75 0.73
C LEU A 36 -10.02 1.09 0.85
N GLY A 37 -10.48 2.06 0.05
CA GLY A 37 -11.87 2.47 0.08
C GLY A 37 -12.87 1.43 -0.41
N LEU A 38 -12.36 0.39 -1.04
CA LEU A 38 -13.21 -0.67 -1.55
C LEU A 38 -13.52 -1.71 -0.47
N ALA A 39 -12.67 -1.78 0.55
CA ALA A 39 -12.80 -2.74 1.63
C ALA A 39 -14.16 -2.79 2.32
N GLY A 40 -14.79 -1.63 2.46
CA GLY A 40 -16.08 -1.60 3.10
C GLY A 40 -16.10 -1.05 4.52
N PHE A 41 -14.96 -0.54 5.00
CA PHE A 41 -14.94 0.01 6.36
C PHE A 41 -15.91 1.17 6.46
N ASP A 42 -16.41 1.43 7.67
CA ASP A 42 -17.35 2.53 7.88
C ASP A 42 -16.62 3.87 7.94
N TRP A 43 -15.35 3.85 8.32
CA TRP A 43 -14.57 5.05 8.39
C TRP A 43 -13.09 4.73 8.27
N LEU A 44 -12.35 5.61 7.59
CA LEU A 44 -10.92 5.46 7.40
C LEU A 44 -10.24 6.71 7.94
N VAL A 45 -9.29 6.53 8.85
CA VAL A 45 -8.58 7.66 9.42
C VAL A 45 -7.33 7.98 8.63
N LEU A 46 -7.36 9.08 7.89
CA LEU A 46 -6.18 9.50 7.13
C LEU A 46 -5.32 10.23 8.17
N ASP A 47 -4.37 9.49 8.72
CA ASP A 47 -3.48 9.97 9.77
C ASP A 47 -2.53 11.09 9.38
N GLY A 48 -2.75 12.26 9.96
CA GLY A 48 -1.89 13.39 9.68
C GLY A 48 -0.91 13.65 10.81
N GLU A 49 -0.89 12.76 11.80
CA GLU A 49 0.00 12.93 12.95
C GLU A 49 1.18 11.94 13.00
N HIS A 50 0.90 10.66 12.81
CA HIS A 50 1.96 9.66 12.87
C HIS A 50 2.29 9.04 11.52
N ALA A 51 1.65 9.57 10.48
CA ALA A 51 1.86 9.13 9.10
C ALA A 51 2.28 10.36 8.29
N PRO A 52 3.20 10.19 7.33
CA PRO A 52 3.70 11.28 6.49
C PRO A 52 2.66 11.91 5.55
N ASN A 53 1.56 12.36 6.14
CA ASN A 53 0.48 12.99 5.40
C ASN A 53 0.40 14.51 5.60
N ASP A 54 0.03 15.21 4.54
CA ASP A 54 -0.13 16.66 4.58
C ASP A 54 -1.22 17.08 3.59
N ILE A 55 -1.44 18.39 3.47
CA ILE A 55 -2.46 18.89 2.57
C ILE A 55 -2.24 18.30 1.17
N SER A 56 -0.99 18.33 0.71
CA SER A 56 -0.64 17.81 -0.62
C SER A 56 -1.00 16.34 -0.86
N THR A 57 -1.02 15.51 0.19
CA THR A 57 -1.38 14.11 0.02
C THR A 57 -2.86 13.89 0.38
N PHE A 58 -3.37 14.70 1.31
CA PHE A 58 -4.76 14.56 1.73
C PHE A 58 -5.78 14.70 0.58
N ILE A 59 -5.62 15.73 -0.25
CA ILE A 59 -6.56 15.97 -1.33
C ILE A 59 -6.66 14.84 -2.35
N PRO A 60 -5.51 14.33 -2.83
CA PRO A 60 -5.57 13.24 -3.80
C PRO A 60 -6.32 12.04 -3.22
N GLN A 61 -6.02 11.74 -1.95
CA GLN A 61 -6.66 10.62 -1.26
C GLN A 61 -8.15 10.84 -1.04
N LEU A 62 -8.54 12.08 -0.77
CA LEU A 62 -9.94 12.38 -0.57
C LEU A 62 -10.68 12.19 -1.90
N MSE A 63 -9.98 12.45 -3.01
CA MSE A 63 -10.56 12.27 -4.32
C MSE A 63 -10.64 10.77 -4.58
O MSE A 63 -11.60 10.26 -5.18
CB MSE A 63 -9.71 12.95 -5.39
CG MSE A 63 -9.55 14.46 -5.25
SE MSE A 63 -8.47 15.19 -6.54
CE MSE A 63 -9.12 16.89 -6.65
N ALA A 64 -9.62 10.05 -4.12
CA ALA A 64 -9.57 8.61 -4.30
C ALA A 64 -10.74 7.95 -3.58
N LEU A 65 -11.12 8.51 -2.44
CA LEU A 65 -12.21 7.99 -1.64
C LEU A 65 -13.62 8.40 -2.10
N LYS A 66 -13.71 9.29 -3.08
CA LYS A 66 -15.01 9.69 -3.58
C LYS A 66 -15.74 8.43 -4.06
N GLY A 67 -17.02 8.31 -3.71
CA GLY A 67 -17.76 7.14 -4.13
C GLY A 67 -17.50 5.91 -3.26
N SER A 68 -16.82 6.13 -2.14
CA SER A 68 -16.55 5.06 -1.20
C SER A 68 -17.52 5.22 -0.04
N ALA A 69 -17.95 4.09 0.54
CA ALA A 69 -18.87 4.14 1.65
C ALA A 69 -18.13 4.68 2.87
N SER A 70 -16.85 4.38 2.95
CA SER A 70 -16.06 4.81 4.10
C SER A 70 -16.09 6.33 4.30
N ALA A 71 -16.32 6.74 5.55
CA ALA A 71 -16.35 8.14 5.91
C ALA A 71 -14.89 8.55 6.14
N PRO A 72 -14.42 9.59 5.42
CA PRO A 72 -13.03 10.04 5.58
C PRO A 72 -12.85 10.85 6.85
N VAL A 73 -11.91 10.43 7.69
CA VAL A 73 -11.62 11.12 8.93
C VAL A 73 -10.16 11.50 8.94
N VAL A 74 -9.86 12.76 9.26
CA VAL A 74 -8.48 13.20 9.33
C VAL A 74 -8.05 13.30 10.79
N ARG A 75 -6.86 12.79 11.07
CA ARG A 75 -6.32 12.85 12.42
C ARG A 75 -5.29 13.96 12.36
N VAL A 76 -5.69 15.15 12.79
CA VAL A 76 -4.80 16.31 12.77
C VAL A 76 -3.50 16.04 13.50
N PRO A 77 -2.43 16.73 13.10
CA PRO A 77 -1.13 16.54 13.74
C PRO A 77 -1.12 17.02 15.19
N THR A 78 -2.06 17.91 15.51
CA THR A 78 -2.17 18.45 16.85
C THR A 78 -3.42 19.29 16.95
N ASN A 79 -3.82 19.65 18.16
CA ASN A 79 -5.02 20.45 18.34
C ASN A 79 -4.74 21.95 18.36
N GLU A 80 -4.78 22.54 17.17
CA GLU A 80 -4.56 23.97 16.99
C GLU A 80 -5.44 24.39 15.82
N PRO A 81 -6.11 25.55 15.92
CA PRO A 81 -7.01 26.12 14.91
C PRO A 81 -6.59 26.31 13.46
N VAL A 82 -5.36 26.72 13.22
CA VAL A 82 -4.90 26.95 11.85
C VAL A 82 -4.98 25.72 10.95
N ILE A 83 -4.37 24.62 11.38
CA ILE A 83 -4.36 23.41 10.57
C ILE A 83 -5.77 22.84 10.42
N ILE A 84 -6.57 22.95 11.47
CA ILE A 84 -7.96 22.47 11.43
C ILE A 84 -8.70 23.24 10.34
N LYS A 85 -8.48 24.54 10.32
CA LYS A 85 -9.10 25.43 9.34
C LYS A 85 -8.75 24.98 7.92
N ARG A 86 -7.46 24.83 7.65
CA ARG A 86 -6.99 24.41 6.34
C ARG A 86 -7.53 23.04 5.95
N LEU A 87 -7.66 22.15 6.93
CA LEU A 87 -8.16 20.79 6.68
C LEU A 87 -9.66 20.76 6.43
N LEU A 88 -10.38 21.72 6.98
CA LEU A 88 -11.83 21.79 6.79
C LEU A 88 -12.13 22.26 5.36
N ASP A 89 -11.35 23.21 4.85
CA ASP A 89 -11.57 23.71 3.50
C ASP A 89 -11.21 22.72 2.40
N ILE A 90 -10.20 21.88 2.61
CA ILE A 90 -9.86 20.92 1.55
C ILE A 90 -10.86 19.75 1.44
N GLY A 91 -11.76 19.57 2.42
CA GLY A 91 -12.83 18.54 2.26
C GLY A 91 -12.97 17.50 3.40
N PHE A 92 -12.50 17.81 4.59
CA PHE A 92 -12.65 16.88 5.74
C PHE A 92 -13.86 17.32 6.57
N TYR A 93 -14.75 16.37 6.87
CA TYR A 93 -15.94 16.66 7.66
C TYR A 93 -15.94 15.96 9.02
N ASN A 94 -14.92 15.13 9.23
CA ASN A 94 -14.77 14.39 10.47
C ASN A 94 -13.34 14.54 10.98
N PHE A 95 -13.18 14.85 12.26
CA PHE A 95 -11.85 15.04 12.82
C PHE A 95 -11.53 14.20 14.05
N LEU A 96 -10.27 13.78 14.13
CA LEU A 96 -9.76 13.01 15.25
C LEU A 96 -8.71 13.96 15.84
N ILE A 97 -8.93 14.42 17.06
CA ILE A 97 -8.03 15.36 17.69
C ILE A 97 -7.08 14.74 18.70
N PRO A 98 -5.79 14.63 18.35
CA PRO A 98 -4.86 14.03 19.30
C PRO A 98 -4.70 14.87 20.54
N PHE A 99 -4.39 14.12 21.59
CA PHE A 99 -4.10 14.63 22.94
C PHE A 99 -5.04 15.77 23.39
N VAL A 100 -6.27 15.38 23.68
CA VAL A 100 -7.29 16.28 24.27
C VAL A 100 -7.28 15.99 25.76
N GLU A 101 -6.62 16.87 26.50
CA GLU A 101 -6.48 16.69 27.92
C GLU A 101 -7.45 17.46 28.81
N THR A 102 -8.02 18.54 28.27
CA THR A 102 -8.94 19.33 29.06
C THR A 102 -10.22 19.74 28.33
N LYS A 103 -11.22 20.16 29.11
CA LYS A 103 -12.49 20.59 28.55
C LYS A 103 -12.23 21.85 27.72
N GLU A 104 -11.19 22.58 28.10
CA GLU A 104 -10.80 23.79 27.41
C GLU A 104 -10.45 23.40 25.99
N GLU A 105 -9.43 22.56 25.87
CA GLU A 105 -8.96 22.06 24.59
C GLU A 105 -10.11 21.51 23.76
N ALA A 106 -10.97 20.72 24.39
CA ALA A 106 -12.12 20.12 23.72
C ALA A 106 -13.00 21.18 23.04
N GLU A 107 -13.14 22.33 23.70
CA GLU A 107 -13.93 23.42 23.16
C GLU A 107 -13.22 24.10 22.00
N LEU A 108 -11.93 24.35 22.16
CA LEU A 108 -11.14 24.98 21.11
C LEU A 108 -11.35 24.15 19.83
N ALA A 109 -11.10 22.85 19.95
CA ALA A 109 -11.26 21.93 18.82
C ALA A 109 -12.60 22.07 18.12
N VAL A 110 -13.67 22.12 18.92
CA VAL A 110 -15.02 22.26 18.36
C VAL A 110 -15.17 23.62 17.70
N ALA A 111 -14.66 24.66 18.38
CA ALA A 111 -14.73 26.02 17.89
C ALA A 111 -13.96 26.23 16.58
N SER A 112 -12.93 25.41 16.37
CA SER A 112 -12.11 25.51 15.17
C SER A 112 -12.84 24.97 13.94
N THR A 113 -13.88 24.18 14.18
CA THR A 113 -14.64 23.58 13.09
C THR A 113 -15.98 24.30 12.88
N ARG A 114 -16.14 25.45 13.52
CA ARG A 114 -17.39 26.19 13.42
C ARG A 114 -17.24 27.67 13.11
N TYR A 115 -18.02 28.13 12.14
CA TYR A 115 -18.02 29.53 11.73
C TYR A 115 -18.64 30.37 12.83
N PRO A 116 -18.08 31.56 13.09
CA PRO A 116 -18.62 32.42 14.14
C PRO A 116 -20.09 32.77 13.89
N PRO A 117 -20.82 33.16 14.94
CA PRO A 117 -20.31 33.28 16.31
C PRO A 117 -20.17 31.93 17.03
N GLU A 118 -20.80 30.89 16.49
CA GLU A 118 -20.75 29.57 17.08
C GLU A 118 -19.32 29.09 17.30
N GLY A 119 -18.39 29.58 16.47
CA GLY A 119 -17.00 29.18 16.60
C GLY A 119 -16.00 30.19 16.06
N ILE A 120 -14.79 29.72 15.74
CA ILE A 120 -13.76 30.62 15.24
C ILE A 120 -13.26 30.27 13.83
N ARG A 121 -13.97 29.40 13.12
CA ARG A 121 -13.55 29.01 11.78
C ARG A 121 -13.44 30.18 10.79
N GLY A 122 -12.36 30.20 10.01
CA GLY A 122 -12.15 31.24 9.02
C GLY A 122 -13.03 30.99 7.80
N VAL A 123 -13.56 32.06 7.21
CA VAL A 123 -14.46 31.91 6.07
C VAL A 123 -13.86 32.13 4.68
N SER A 124 -14.00 31.12 3.82
CA SER A 124 -13.55 31.16 2.44
C SER A 124 -14.82 30.91 1.64
N VAL A 125 -14.92 31.46 0.43
CA VAL A 125 -16.13 31.28 -0.37
C VAL A 125 -16.15 30.16 -1.40
N SER A 126 -14.99 29.66 -1.80
CA SER A 126 -14.93 28.59 -2.79
C SER A 126 -13.79 27.66 -2.40
N HIS A 127 -14.11 26.38 -2.22
CA HIS A 127 -13.14 25.36 -1.82
C HIS A 127 -13.80 23.98 -1.91
N ARG A 128 -13.03 22.93 -1.60
CA ARG A 128 -13.56 21.56 -1.67
C ARG A 128 -14.68 21.27 -0.67
N ALA A 129 -14.68 21.97 0.47
CA ALA A 129 -15.72 21.72 1.48
C ALA A 129 -17.11 22.03 0.96
N ASN A 130 -17.29 23.20 0.36
CA ASN A 130 -18.57 23.58 -0.20
C ASN A 130 -18.56 23.30 -1.70
N MSE A 131 -17.67 22.39 -2.10
CA MSE A 131 -17.47 22.01 -3.50
C MSE A 131 -17.59 23.21 -4.44
O MSE A 131 -18.39 23.23 -5.38
CB MSE A 131 -18.45 20.92 -3.94
CG MSE A 131 -17.86 19.49 -3.97
SE MSE A 131 -16.30 19.19 -4.99
CE MSE A 131 -15.15 18.83 -3.68
N PHE A 132 -16.80 24.23 -4.14
CA PHE A 132 -16.75 25.45 -4.92
C PHE A 132 -18.13 26.09 -5.14
N GLY A 133 -18.92 26.16 -4.08
CA GLY A 133 -20.22 26.78 -4.16
C GLY A 133 -21.41 25.96 -4.65
N THR A 134 -21.24 24.65 -4.81
CA THR A 134 -22.35 23.82 -5.29
C THR A 134 -23.12 23.13 -4.16
N VAL A 135 -22.64 23.25 -2.93
CA VAL A 135 -23.33 22.63 -1.80
C VAL A 135 -24.41 23.60 -1.35
N ALA A 136 -25.65 23.10 -1.31
CA ALA A 136 -26.79 23.92 -0.90
C ALA A 136 -26.76 24.29 0.58
N ASP A 137 -27.05 25.56 0.86
CA ASP A 137 -27.08 26.08 2.23
C ASP A 137 -25.85 25.64 3.02
N TYR A 138 -24.68 25.82 2.43
CA TYR A 138 -23.43 25.43 3.06
C TYR A 138 -23.17 26.03 4.43
N PHE A 139 -22.92 27.34 4.49
CA PHE A 139 -22.64 28.01 5.76
C PHE A 139 -23.53 27.60 6.93
N ALA A 140 -24.84 27.53 6.70
CA ALA A 140 -25.77 27.14 7.75
C ALA A 140 -25.58 25.68 8.15
N GLN A 141 -25.52 24.81 7.15
CA GLN A 141 -25.34 23.38 7.36
C GLN A 141 -24.00 22.98 7.98
N SER A 142 -22.92 23.45 7.38
CA SER A 142 -21.56 23.14 7.84
C SER A 142 -21.41 23.02 9.35
N ASN A 143 -21.79 24.08 10.07
CA ASN A 143 -21.69 24.11 11.52
C ASN A 143 -22.38 22.99 12.29
N LYS A 144 -23.20 22.18 11.61
CA LYS A 144 -23.90 21.08 12.28
C LYS A 144 -23.41 19.74 11.76
N ASN A 145 -22.73 19.75 10.63
CA ASN A 145 -22.27 18.50 10.02
C ASN A 145 -20.78 18.15 10.14
N ILE A 146 -20.13 18.63 11.21
CA ILE A 146 -18.72 18.33 11.44
C ILE A 146 -18.56 17.43 12.66
N THR A 147 -17.94 16.27 12.46
CA THR A 147 -17.71 15.30 13.53
C THR A 147 -16.41 15.58 14.29
N ILE A 148 -16.50 15.67 15.61
CA ILE A 148 -15.34 15.92 16.46
C ILE A 148 -15.07 14.69 17.33
N LEU A 149 -13.90 14.07 17.12
CA LEU A 149 -13.52 12.90 17.90
C LEU A 149 -12.28 13.24 18.69
N VAL A 150 -12.42 13.34 20.01
CA VAL A 150 -11.29 13.68 20.85
C VAL A 150 -10.60 12.45 21.41
N GLN A 151 -9.27 12.49 21.38
CA GLN A 151 -8.47 11.39 21.89
C GLN A 151 -8.04 11.62 23.33
N ILE A 152 -8.35 10.64 24.17
CA ILE A 152 -7.97 10.68 25.56
C ILE A 152 -6.77 9.72 25.65
N GLU A 153 -5.58 10.26 25.76
CA GLU A 153 -4.40 9.40 25.81
C GLU A 153 -3.30 9.92 26.72
N SER A 154 -3.73 10.56 27.80
CA SER A 154 -2.83 11.12 28.80
C SER A 154 -3.54 10.97 30.14
N GLN A 155 -2.81 11.11 31.24
CA GLN A 155 -3.42 10.98 32.55
C GLN A 155 -4.38 12.15 32.77
N GLN A 156 -3.94 13.34 32.38
CA GLN A 156 -4.76 14.55 32.52
C GLN A 156 -6.05 14.39 31.73
N GLY A 157 -5.92 13.91 30.49
CA GLY A 157 -7.09 13.69 29.66
C GLY A 157 -8.06 12.75 30.35
N VAL A 158 -7.52 11.75 31.04
CA VAL A 158 -8.34 10.79 31.77
C VAL A 158 -9.07 11.48 32.92
N ASP A 159 -8.30 12.12 33.79
CA ASP A 159 -8.85 12.84 34.93
C ASP A 159 -10.05 13.71 34.55
N ASN A 160 -10.00 14.29 33.35
CA ASN A 160 -11.08 15.17 32.90
C ASN A 160 -12.01 14.54 31.87
N VAL A 161 -11.91 13.23 31.69
CA VAL A 161 -12.74 12.55 30.72
C VAL A 161 -14.20 12.96 30.80
N ASP A 162 -14.73 13.08 32.02
CA ASP A 162 -16.12 13.48 32.22
C ASP A 162 -16.48 14.86 31.64
N ALA A 163 -15.71 15.87 32.00
CA ALA A 163 -15.96 17.24 31.50
C ALA A 163 -15.85 17.28 29.98
N ILE A 164 -14.80 16.65 29.46
CA ILE A 164 -14.55 16.60 28.03
C ILE A 164 -15.70 15.97 27.27
N ALA A 165 -16.16 14.81 27.74
CA ALA A 165 -17.25 14.10 27.12
C ALA A 165 -18.57 14.88 27.17
N ALA A 166 -18.70 15.75 28.16
CA ALA A 166 -19.92 16.54 28.32
C ALA A 166 -19.93 17.76 27.41
N THR A 167 -18.76 18.12 26.87
CA THR A 167 -18.65 19.27 26.00
C THR A 167 -19.52 19.22 24.74
N GLU A 168 -20.18 20.34 24.46
CA GLU A 168 -21.04 20.47 23.29
C GLU A 168 -20.13 20.43 22.07
N GLY A 169 -20.45 19.56 21.11
CA GLY A 169 -19.63 19.45 19.91
C GLY A 169 -18.90 18.12 19.88
N VAL A 170 -18.35 17.71 21.02
CA VAL A 170 -17.63 16.44 21.11
C VAL A 170 -18.59 15.32 20.72
N ASP A 171 -18.35 14.71 19.56
CA ASP A 171 -19.22 13.64 19.07
C ASP A 171 -18.80 12.24 19.48
N GLY A 172 -17.56 12.10 19.91
CA GLY A 172 -17.08 10.78 20.31
C GLY A 172 -15.82 10.84 21.13
N ILE A 173 -15.66 9.86 22.00
CA ILE A 173 -14.49 9.77 22.87
C ILE A 173 -13.63 8.63 22.35
N PHE A 174 -12.42 8.96 21.89
CA PHE A 174 -11.52 7.96 21.34
C PHE A 174 -10.33 7.69 22.27
N VAL A 175 -9.99 6.42 22.42
CA VAL A 175 -8.86 6.07 23.26
C VAL A 175 -7.62 5.70 22.45
N GLY A 176 -6.55 6.44 22.71
CA GLY A 176 -5.30 6.14 22.05
C GLY A 176 -4.55 5.23 22.99
N PRO A 177 -4.65 3.90 22.81
CA PRO A 177 -3.99 2.91 23.67
C PRO A 177 -2.49 3.10 23.90
N SER A 178 -1.71 3.08 22.83
CA SER A 178 -0.26 3.24 22.92
C SER A 178 0.17 4.46 23.72
N ASP A 179 -0.37 5.62 23.40
CA ASP A 179 -0.01 6.83 24.12
C ASP A 179 -0.48 6.78 25.57
N LEU A 180 -1.67 6.25 25.77
CA LEU A 180 -2.25 6.14 27.11
C LEU A 180 -1.35 5.22 27.95
N ALA A 181 -0.92 4.10 27.36
CA ALA A 181 -0.05 3.14 28.05
C ALA A 181 1.26 3.80 28.46
N ALA A 182 1.85 4.54 27.54
CA ALA A 182 3.11 5.23 27.82
C ALA A 182 2.85 6.22 28.94
N ALA A 183 1.68 6.86 28.87
CA ALA A 183 1.27 7.85 29.87
C ALA A 183 1.12 7.20 31.24
N LEU A 184 0.77 5.90 31.27
CA LEU A 184 0.59 5.19 32.53
C LEU A 184 1.82 4.37 32.92
N GLY A 185 2.99 4.78 32.43
CA GLY A 185 4.22 4.08 32.74
C GLY A 185 4.35 2.68 32.17
N HIS A 186 3.60 2.38 31.11
CA HIS A 186 3.67 1.06 30.50
C HIS A 186 3.82 1.15 28.98
N LEU A 187 4.85 1.88 28.55
CA LEU A 187 5.13 2.05 27.13
C LEU A 187 5.27 0.72 26.42
N GLY A 188 4.47 0.52 25.39
CA GLY A 188 4.54 -0.71 24.62
C GLY A 188 3.83 -1.88 25.28
N ASN A 189 3.06 -1.59 26.33
CA ASN A 189 2.34 -2.63 27.05
C ASN A 189 0.93 -2.15 27.43
N ALA A 190 0.10 -1.92 26.43
CA ALA A 190 -1.26 -1.45 26.66
C ALA A 190 -2.16 -2.52 27.30
N SER A 191 -1.77 -3.79 27.13
CA SER A 191 -2.52 -4.91 27.70
C SER A 191 -2.42 -4.96 29.21
N HIS A 192 -1.49 -4.19 29.77
CA HIS A 192 -1.34 -4.17 31.21
C HIS A 192 -2.67 -3.83 31.89
N PRO A 193 -3.07 -4.63 32.89
CA PRO A 193 -4.33 -4.42 33.61
C PRO A 193 -4.54 -2.97 34.04
N ASP A 194 -3.45 -2.24 34.22
CA ASP A 194 -3.50 -0.83 34.62
C ASP A 194 -4.10 -0.01 33.48
N VAL A 195 -3.61 -0.26 32.27
CA VAL A 195 -4.06 0.44 31.08
C VAL A 195 -5.49 0.01 30.76
N GLN A 196 -5.75 -1.29 30.86
CA GLN A 196 -7.06 -1.83 30.57
C GLN A 196 -8.13 -1.19 31.46
N LYS A 197 -7.80 -0.98 32.73
CA LYS A 197 -8.75 -0.35 33.66
C LYS A 197 -9.01 1.11 33.30
N ALA A 198 -7.98 1.78 32.81
CA ALA A 198 -8.11 3.18 32.42
C ALA A 198 -8.94 3.28 31.14
N ILE A 199 -8.77 2.28 30.27
CA ILE A 199 -9.50 2.26 29.01
C ILE A 199 -10.99 2.10 29.23
N GLN A 200 -11.37 1.11 30.03
CA GLN A 200 -12.77 0.86 30.30
C GLN A 200 -13.40 2.05 31.03
N HIS A 201 -12.62 2.70 31.86
CA HIS A 201 -13.10 3.86 32.61
C HIS A 201 -13.57 4.92 31.62
N ILE A 202 -12.71 5.23 30.64
CA ILE A 202 -13.01 6.22 29.61
C ILE A 202 -14.28 5.83 28.87
N PHE A 203 -14.39 4.55 28.52
CA PHE A 203 -15.58 4.04 27.84
C PHE A 203 -16.78 4.33 28.73
N ASN A 204 -16.71 3.83 29.96
CA ASN A 204 -17.76 4.03 30.95
C ASN A 204 -18.26 5.47 30.97
N ARG A 205 -17.34 6.42 31.11
CA ARG A 205 -17.70 7.82 31.16
C ARG A 205 -18.25 8.36 29.85
N ALA A 206 -17.74 7.85 28.74
CA ALA A 206 -18.24 8.28 27.44
C ALA A 206 -19.73 7.98 27.42
N SER A 207 -20.06 6.71 27.68
CA SER A 207 -21.44 6.26 27.71
C SER A 207 -22.24 7.08 28.72
N ALA A 208 -21.61 7.39 29.84
CA ALA A 208 -22.24 8.16 30.90
C ALA A 208 -22.82 9.48 30.38
N HIS A 209 -22.12 10.12 29.45
CA HIS A 209 -22.58 11.40 28.90
C HIS A 209 -23.22 11.26 27.52
N GLY A 210 -23.78 10.09 27.26
CA GLY A 210 -24.45 9.84 25.99
C GLY A 210 -23.57 9.82 24.76
N LYS A 211 -22.28 10.13 24.90
CA LYS A 211 -21.37 10.13 23.76
C LYS A 211 -20.79 8.74 23.52
N PRO A 212 -20.67 8.32 22.25
CA PRO A 212 -20.10 7.00 21.93
C PRO A 212 -18.58 6.99 22.16
N SER A 213 -18.05 5.81 22.47
CA SER A 213 -16.61 5.67 22.71
C SER A 213 -15.96 4.89 21.57
N GLY A 214 -14.66 5.07 21.39
CA GLY A 214 -13.95 4.39 20.33
C GLY A 214 -12.50 4.08 20.63
N ILE A 215 -11.89 3.22 19.82
CA ILE A 215 -10.50 2.84 20.05
C ILE A 215 -9.85 2.18 18.84
N LEU A 216 -8.53 2.19 18.83
CA LEU A 216 -7.75 1.55 17.78
C LEU A 216 -7.16 0.30 18.41
N ALA A 217 -7.34 -0.83 17.73
CA ALA A 217 -6.86 -2.11 18.24
C ALA A 217 -6.68 -3.09 17.09
N PRO A 218 -5.46 -3.15 16.54
CA PRO A 218 -5.16 -4.06 15.43
C PRO A 218 -5.26 -5.56 15.78
N VAL A 219 -5.24 -5.87 17.07
CA VAL A 219 -5.35 -7.26 17.51
C VAL A 219 -6.84 -7.60 17.63
N GLU A 220 -7.28 -8.63 16.89
CA GLU A 220 -8.69 -9.00 16.89
C GLU A 220 -9.32 -9.25 18.26
N ALA A 221 -8.61 -9.98 19.12
CA ALA A 221 -9.14 -10.27 20.45
C ALA A 221 -9.49 -8.98 21.17
N ASP A 222 -8.54 -8.05 21.22
CA ASP A 222 -8.75 -6.77 21.89
C ASP A 222 -9.93 -6.04 21.23
N ALA A 223 -9.94 -6.04 19.90
CA ALA A 223 -11.00 -5.39 19.16
C ALA A 223 -12.34 -5.95 19.61
N ARG A 224 -12.45 -7.27 19.64
CA ARG A 224 -13.68 -7.92 20.06
C ARG A 224 -14.00 -7.66 21.51
N ARG A 225 -12.98 -7.49 22.34
CA ARG A 225 -13.21 -7.22 23.75
C ARG A 225 -13.76 -5.80 23.94
N TYR A 226 -13.15 -4.84 23.25
CA TYR A 226 -13.58 -3.46 23.36
C TYR A 226 -15.01 -3.26 22.85
N LEU A 227 -15.36 -3.98 21.80
CA LEU A 227 -16.70 -3.88 21.24
C LEU A 227 -17.71 -4.35 22.28
N GLU A 228 -17.35 -5.40 23.02
CA GLU A 228 -18.23 -5.94 24.04
C GLU A 228 -18.28 -5.00 25.24
N TRP A 229 -17.19 -4.25 25.46
CA TRP A 229 -17.15 -3.29 26.55
C TRP A 229 -18.06 -2.10 26.18
N GLY A 230 -18.59 -2.13 24.95
CA GLY A 230 -19.48 -1.07 24.51
C GLY A 230 -19.02 -0.14 23.41
N ALA A 231 -17.71 -0.02 23.21
CA ALA A 231 -17.15 0.85 22.19
C ALA A 231 -17.83 0.71 20.82
N THR A 232 -18.19 1.84 20.21
CA THR A 232 -18.84 1.82 18.91
C THR A 232 -17.94 2.09 17.70
N PHE A 233 -17.19 3.19 17.70
CA PHE A 233 -16.30 3.43 16.57
C PHE A 233 -14.91 2.85 16.88
N VAL A 234 -14.67 1.66 16.35
CA VAL A 234 -13.43 0.92 16.56
C VAL A 234 -12.63 0.68 15.28
N ALA A 235 -11.36 1.06 15.32
CA ALA A 235 -10.47 0.86 14.17
C ALA A 235 -9.81 -0.50 14.40
N VAL A 236 -10.07 -1.43 13.49
CA VAL A 236 -9.55 -2.79 13.64
C VAL A 236 -8.20 -3.05 12.99
N GLY A 237 -7.57 -1.99 12.48
CA GLY A 237 -6.27 -2.13 11.87
C GLY A 237 -5.88 -0.91 11.08
N SER A 238 -4.79 -1.02 10.31
CA SER A 238 -4.33 0.09 9.48
C SER A 238 -3.82 -0.47 8.16
N ASP A 239 -3.85 0.35 7.11
CA ASP A 239 -3.37 -0.12 5.83
C ASP A 239 -1.94 -0.63 6.00
N LEU A 240 -1.13 0.16 6.69
CA LEU A 240 0.26 -0.16 6.96
C LEU A 240 0.44 -1.51 7.61
N GLY A 241 -0.31 -1.73 8.70
CA GLY A 241 -0.24 -2.97 9.44
C GLY A 241 -0.70 -4.20 8.68
N VAL A 242 -1.85 -4.15 8.04
CA VAL A 242 -2.31 -5.34 7.33
C VAL A 242 -1.39 -5.59 6.15
N PHE A 243 -0.90 -4.52 5.53
CA PHE A 243 0.01 -4.66 4.40
C PHE A 243 1.30 -5.33 4.89
N ARG A 244 1.81 -4.84 6.01
CA ARG A 244 3.03 -5.38 6.58
C ARG A 244 2.91 -6.88 6.94
N SER A 245 1.84 -7.24 7.65
CA SER A 245 1.61 -8.63 8.05
C SER A 245 1.33 -9.54 6.87
N ALA A 246 0.44 -9.09 5.99
CA ALA A 246 0.05 -9.87 4.84
C ALA A 246 1.25 -10.18 3.96
N THR A 247 2.06 -9.17 3.63
CA THR A 247 3.23 -9.38 2.77
C THR A 247 4.26 -10.29 3.44
N GLN A 248 4.57 -10.01 4.70
CA GLN A 248 5.53 -10.80 5.46
C GLN A 248 5.05 -12.25 5.51
N LYS A 249 3.78 -12.41 5.86
CA LYS A 249 3.18 -13.73 5.95
C LYS A 249 3.29 -14.47 4.62
N LEU A 250 2.97 -13.78 3.52
CA LEU A 250 3.06 -14.38 2.19
C LEU A 250 4.46 -14.92 1.89
N ALA A 251 5.47 -14.15 2.27
CA ALA A 251 6.86 -14.57 2.05
C ALA A 251 7.18 -15.81 2.87
N ASP A 252 6.68 -15.85 4.10
CA ASP A 252 6.92 -16.95 5.01
C ASP A 252 6.27 -18.27 4.60
N THR A 253 5.08 -18.22 4.00
CA THR A 253 4.42 -19.45 3.61
C THR A 253 5.13 -20.13 2.44
N PHE A 254 6.16 -19.47 1.91
CA PHE A 254 6.92 -20.03 0.80
C PHE A 254 8.41 -20.17 1.10
N LYS A 255 8.88 -19.47 2.11
CA LYS A 255 10.30 -19.55 2.46
C LYS A 255 10.46 -20.07 3.88
N LYS A 256 9.36 -20.06 4.62
CA LYS A 256 9.31 -20.53 6.01
C LYS A 256 9.85 -19.47 6.98
N ASP B 4 28.19 -5.24 -2.76
CA ASP B 4 28.30 -4.22 -3.85
C ASP B 4 27.30 -4.46 -4.95
N VAL B 5 27.33 -3.61 -5.98
CA VAL B 5 26.42 -3.73 -7.10
C VAL B 5 26.72 -5.02 -7.86
N PHE B 6 27.99 -5.20 -8.20
CA PHE B 6 28.42 -6.38 -8.93
C PHE B 6 29.24 -7.26 -7.98
N PRO B 7 29.12 -8.59 -8.11
CA PRO B 7 28.28 -9.34 -9.05
C PRO B 7 26.78 -9.29 -8.75
N ASN B 8 25.98 -9.62 -9.76
CA ASN B 8 24.54 -9.65 -9.63
C ASN B 8 24.18 -11.01 -9.02
N LYS B 9 23.93 -11.04 -7.72
CA LYS B 9 23.60 -12.27 -7.03
C LYS B 9 22.29 -12.92 -7.51
N PHE B 10 21.32 -12.10 -7.86
CA PHE B 10 20.05 -12.61 -8.35
C PHE B 10 20.27 -13.35 -9.66
N LYS B 11 21.14 -12.78 -10.49
CA LYS B 11 21.47 -13.34 -11.79
C LYS B 11 22.17 -14.69 -11.57
N ALA B 12 22.99 -14.74 -10.53
CA ALA B 12 23.73 -15.96 -10.20
C ALA B 12 22.82 -17.07 -9.70
N ALA B 13 21.93 -16.72 -8.76
CA ALA B 13 21.01 -17.68 -8.18
C ALA B 13 20.16 -18.34 -9.26
N LEU B 14 19.65 -17.53 -10.18
CA LEU B 14 18.83 -18.05 -11.27
C LEU B 14 19.61 -19.08 -12.09
N ALA B 15 20.82 -18.72 -12.47
CA ALA B 15 21.68 -19.60 -13.26
C ALA B 15 21.88 -20.93 -12.54
N ALA B 16 21.93 -20.86 -11.21
CA ALA B 16 22.11 -22.04 -10.37
C ALA B 16 20.76 -22.74 -10.17
N LYS B 17 19.73 -22.25 -10.86
CA LYS B 17 18.38 -22.79 -10.77
C LYS B 17 17.83 -22.94 -9.35
N GLN B 18 18.26 -22.07 -8.44
CA GLN B 18 17.73 -22.17 -7.09
C GLN B 18 16.44 -21.35 -7.02
N VAL B 19 15.49 -21.84 -6.23
CA VAL B 19 14.20 -21.20 -6.09
C VAL B 19 14.28 -19.74 -5.63
N GLN B 20 13.64 -18.87 -6.41
CA GLN B 20 13.58 -17.44 -6.11
C GLN B 20 12.11 -17.08 -5.90
N ILE B 21 11.78 -16.63 -4.69
CA ILE B 21 10.40 -16.28 -4.37
C ILE B 21 10.16 -14.78 -4.42
N GLY B 22 9.34 -14.35 -5.37
CA GLY B 22 9.04 -12.94 -5.52
C GLY B 22 7.60 -12.47 -5.38
N CYS B 23 7.46 -11.16 -5.43
CA CYS B 23 6.16 -10.49 -5.32
C CYS B 23 6.13 -9.35 -6.35
N TRP B 24 4.94 -9.08 -6.86
CA TRP B 24 4.71 -8.03 -7.85
C TRP B 24 4.48 -6.71 -7.12
N SER B 25 4.72 -5.59 -7.80
CA SER B 25 4.49 -4.28 -7.20
C SER B 25 3.82 -3.35 -8.18
N ALA B 26 2.65 -2.87 -7.79
CA ALA B 26 1.88 -1.97 -8.62
C ALA B 26 1.45 -0.73 -7.86
N LEU B 27 1.64 -0.74 -6.53
CA LEU B 27 1.24 0.39 -5.72
C LEU B 27 1.91 1.72 -6.11
N SER B 28 3.00 1.61 -6.87
CA SER B 28 3.72 2.77 -7.38
C SER B 28 4.06 3.88 -6.39
N ASN B 29 4.67 3.54 -5.26
CA ASN B 29 5.05 4.58 -4.32
C ASN B 29 6.08 4.06 -3.33
N PRO B 30 7.04 4.93 -2.98
CA PRO B 30 8.12 4.62 -2.04
C PRO B 30 7.71 4.15 -0.64
N ILE B 31 6.69 4.78 -0.07
CA ILE B 31 6.25 4.42 1.27
C ILE B 31 5.90 2.93 1.44
N SER B 32 4.94 2.44 0.65
CA SER B 32 4.54 1.03 0.77
C SER B 32 5.62 0.07 0.26
N THR B 33 6.34 0.46 -0.77
CA THR B 33 7.39 -0.39 -1.32
C THR B 33 8.53 -0.58 -0.33
N GLU B 34 8.75 0.39 0.55
CA GLU B 34 9.80 0.23 1.55
C GLU B 34 9.33 -0.87 2.51
N VAL B 35 8.05 -0.83 2.88
CA VAL B 35 7.48 -1.83 3.77
C VAL B 35 7.51 -3.19 3.06
N LEU B 36 7.31 -3.17 1.74
CA LEU B 36 7.32 -4.39 0.94
C LEU B 36 8.70 -5.02 0.97
N GLY B 37 9.73 -4.18 0.89
CA GLY B 37 11.11 -4.64 0.89
C GLY B 37 11.52 -5.37 2.14
N LEU B 38 10.69 -5.24 3.18
CA LEU B 38 10.96 -5.91 4.45
C LEU B 38 10.48 -7.36 4.45
N ALA B 39 9.48 -7.67 3.63
CA ALA B 39 8.90 -9.02 3.59
C ALA B 39 9.93 -10.15 3.48
N GLY B 40 10.90 -10.00 2.59
CA GLY B 40 11.91 -11.03 2.46
C GLY B 40 11.91 -11.78 1.13
N PHE B 41 11.15 -11.29 0.17
CA PHE B 41 11.13 -11.93 -1.13
C PHE B 41 12.52 -11.83 -1.73
N ASP B 42 12.86 -12.78 -2.60
CA ASP B 42 14.16 -12.77 -3.24
C ASP B 42 14.16 -11.76 -4.38
N TRP B 43 12.96 -11.38 -4.82
CA TRP B 43 12.86 -10.41 -5.89
C TRP B 43 11.50 -9.74 -5.91
N LEU B 44 11.50 -8.46 -6.26
CA LEU B 44 10.28 -7.67 -6.34
C LEU B 44 10.19 -7.05 -7.73
N VAL B 45 9.03 -7.21 -8.36
CA VAL B 45 8.83 -6.66 -9.70
C VAL B 45 8.15 -5.31 -9.72
N LEU B 46 8.90 -4.25 -10.01
CA LEU B 46 8.31 -2.92 -10.10
C LEU B 46 7.77 -2.89 -11.52
N ASP B 47 6.47 -3.13 -11.62
CA ASP B 47 5.75 -3.20 -12.88
C ASP B 47 5.55 -1.86 -13.57
N GLY B 48 6.19 -1.71 -14.73
CA GLY B 48 6.07 -0.49 -15.51
C GLY B 48 5.18 -0.72 -16.72
N GLU B 49 4.48 -1.86 -16.74
CA GLU B 49 3.59 -2.17 -17.85
C GLU B 49 2.10 -2.09 -17.48
N HIS B 50 1.74 -2.67 -16.33
CA HIS B 50 0.34 -2.65 -15.92
C HIS B 50 0.04 -1.91 -14.63
N ALA B 51 1.02 -1.15 -14.18
CA ALA B 51 0.87 -0.36 -12.97
C ALA B 51 1.30 1.05 -13.34
N PRO B 52 0.74 2.06 -12.67
CA PRO B 52 1.11 3.45 -12.97
C PRO B 52 2.52 3.83 -12.52
N ASN B 53 3.51 3.03 -12.89
CA ASN B 53 4.91 3.29 -12.55
C ASN B 53 5.65 3.88 -13.75
N ASP B 54 6.67 4.66 -13.46
CA ASP B 54 7.52 5.27 -14.48
C ASP B 54 8.78 5.79 -13.77
N ILE B 55 9.72 6.29 -14.56
CA ILE B 55 10.99 6.80 -14.03
C ILE B 55 10.88 7.67 -12.78
N SER B 56 9.84 8.51 -12.69
CA SER B 56 9.67 9.35 -11.51
C SER B 56 9.22 8.59 -10.26
N THR B 57 8.62 7.43 -10.45
CA THR B 57 8.20 6.63 -9.31
C THR B 57 9.23 5.55 -9.04
N PHE B 58 10.00 5.18 -10.07
CA PHE B 58 10.99 4.13 -9.93
C PHE B 58 12.17 4.49 -9.01
N ILE B 59 12.77 5.66 -9.22
CA ILE B 59 13.91 6.06 -8.39
C ILE B 59 13.61 6.07 -6.90
N PRO B 60 12.47 6.66 -6.49
CA PRO B 60 12.13 6.68 -5.06
C PRO B 60 11.99 5.25 -4.53
N GLN B 61 11.32 4.40 -5.30
CA GLN B 61 11.12 3.01 -4.92
C GLN B 61 12.43 2.24 -4.90
N LEU B 62 13.32 2.54 -5.85
CA LEU B 62 14.61 1.89 -5.90
C LEU B 62 15.38 2.28 -4.63
N MSE B 63 15.28 3.55 -4.24
CA MSE B 63 15.94 4.05 -3.03
C MSE B 63 15.31 3.41 -1.80
O MSE B 63 16.00 3.10 -0.83
CB MSE B 63 15.82 5.57 -2.94
CG MSE B 63 16.53 6.36 -4.03
SE MSE B 63 16.21 8.17 -3.91
CE MSE B 63 17.34 8.80 -5.17
N ALA B 64 14.01 3.21 -1.86
CA ALA B 64 13.28 2.60 -0.75
C ALA B 64 13.73 1.14 -0.56
N LEU B 65 14.22 0.54 -1.62
CA LEU B 65 14.66 -0.85 -1.55
C LEU B 65 16.13 -1.02 -1.18
N LYS B 66 16.87 0.08 -1.08
CA LYS B 66 18.29 0.00 -0.72
C LYS B 66 18.36 -0.65 0.66
N GLY B 67 19.16 -1.71 0.78
CA GLY B 67 19.29 -2.40 2.05
C GLY B 67 18.44 -3.67 2.08
N SER B 68 17.40 -3.71 1.25
CA SER B 68 16.53 -4.88 1.20
C SER B 68 17.28 -6.04 0.53
N ALA B 69 16.96 -7.25 0.96
CA ALA B 69 17.58 -8.44 0.40
C ALA B 69 16.93 -8.74 -0.94
N SER B 70 15.78 -8.13 -1.18
CA SER B 70 15.05 -8.35 -2.42
C SER B 70 15.75 -7.73 -3.63
N ALA B 71 15.83 -8.50 -4.70
CA ALA B 71 16.45 -8.04 -5.93
C ALA B 71 15.38 -7.29 -6.71
N PRO B 72 15.60 -6.00 -6.99
CA PRO B 72 14.61 -5.21 -7.75
C PRO B 72 14.58 -5.61 -9.22
N VAL B 73 13.39 -5.87 -9.74
CA VAL B 73 13.25 -6.22 -11.15
C VAL B 73 12.22 -5.28 -11.77
N VAL B 74 12.55 -4.68 -12.90
CA VAL B 74 11.62 -3.78 -13.56
C VAL B 74 10.95 -4.45 -14.76
N ARG B 75 9.64 -4.29 -14.87
CA ARG B 75 8.91 -4.85 -16.00
C ARG B 75 8.67 -3.66 -16.94
N VAL B 76 9.43 -3.61 -18.02
CA VAL B 76 9.32 -2.53 -18.98
C VAL B 76 7.94 -2.54 -19.61
N PRO B 77 7.43 -1.35 -19.99
CA PRO B 77 6.10 -1.28 -20.61
C PRO B 77 6.07 -2.06 -21.93
N THR B 78 7.22 -2.09 -22.60
CA THR B 78 7.31 -2.79 -23.87
C THR B 78 8.78 -2.99 -24.25
N ASN B 79 9.04 -4.00 -25.07
CA ASN B 79 10.39 -4.32 -25.50
C ASN B 79 10.88 -3.37 -26.60
N GLU B 80 11.60 -2.33 -26.17
CA GLU B 80 12.16 -1.34 -27.08
C GLU B 80 13.40 -0.73 -26.41
N PRO B 81 14.49 -0.53 -27.17
CA PRO B 81 15.78 0.02 -26.72
C PRO B 81 15.79 1.25 -25.80
N VAL B 82 15.11 2.31 -26.22
CA VAL B 82 15.08 3.57 -25.48
C VAL B 82 14.66 3.51 -24.03
N ILE B 83 13.49 2.93 -23.76
CA ILE B 83 13.02 2.86 -22.37
C ILE B 83 13.96 2.00 -21.54
N ILE B 84 14.49 0.94 -22.16
CA ILE B 84 15.41 0.04 -21.47
C ILE B 84 16.69 0.81 -21.15
N LYS B 85 17.14 1.62 -22.11
CA LYS B 85 18.33 2.44 -21.94
C LYS B 85 18.19 3.31 -20.70
N ARG B 86 17.06 4.01 -20.61
CA ARG B 86 16.79 4.90 -19.50
C ARG B 86 16.63 4.18 -18.16
N LEU B 87 15.96 3.03 -18.19
CA LEU B 87 15.75 2.25 -16.98
C LEU B 87 17.06 1.67 -16.45
N LEU B 88 17.99 1.39 -17.35
CA LEU B 88 19.29 0.84 -16.96
C LEU B 88 20.04 1.86 -16.11
N ASP B 89 20.06 3.11 -16.59
CA ASP B 89 20.77 4.16 -15.88
C ASP B 89 20.20 4.60 -14.55
N ILE B 90 18.88 4.47 -14.36
CA ILE B 90 18.34 4.88 -13.07
C ILE B 90 18.61 3.84 -11.94
N GLY B 91 19.14 2.66 -12.29
CA GLY B 91 19.55 1.69 -11.22
C GLY B 91 18.98 0.25 -11.34
N PHE B 92 18.30 -0.07 -12.42
CA PHE B 92 17.73 -1.43 -12.59
C PHE B 92 18.76 -2.35 -13.23
N TYR B 93 19.01 -3.49 -12.58
CA TYR B 93 19.95 -4.47 -13.08
C TYR B 93 19.23 -5.75 -13.54
N ASN B 94 17.93 -5.82 -13.25
CA ASN B 94 17.13 -6.98 -13.64
C ASN B 94 15.89 -6.51 -14.42
N PHE B 95 15.67 -7.09 -15.59
CA PHE B 95 14.54 -6.74 -16.43
C PHE B 95 13.59 -7.89 -16.79
N LEU B 96 12.31 -7.54 -16.90
CA LEU B 96 11.27 -8.48 -17.29
C LEU B 96 10.72 -7.91 -18.58
N ILE B 97 10.87 -8.64 -19.67
CA ILE B 97 10.40 -8.16 -20.97
C ILE B 97 9.10 -8.79 -21.39
N PRO B 98 8.04 -7.97 -21.54
CA PRO B 98 6.75 -8.51 -21.94
C PRO B 98 6.70 -8.83 -23.43
N PHE B 99 5.84 -9.78 -23.78
CA PHE B 99 5.62 -10.22 -25.16
C PHE B 99 6.85 -10.45 -26.00
N VAL B 100 7.71 -11.37 -25.57
CA VAL B 100 8.90 -11.71 -26.33
C VAL B 100 8.38 -12.85 -27.19
N GLU B 101 8.16 -12.58 -28.45
CA GLU B 101 7.60 -13.57 -29.36
C GLU B 101 8.56 -14.29 -30.30
N THR B 102 9.69 -13.66 -30.61
CA THR B 102 10.66 -14.26 -31.51
C THR B 102 12.08 -14.20 -30.96
N LYS B 103 12.97 -14.96 -31.59
CA LYS B 103 14.37 -15.00 -31.20
C LYS B 103 15.03 -13.63 -31.38
N GLU B 104 14.61 -12.92 -32.43
CA GLU B 104 15.13 -11.60 -32.74
C GLU B 104 14.76 -10.59 -31.66
N GLU B 105 13.52 -10.65 -31.20
CA GLU B 105 13.06 -9.75 -30.15
C GLU B 105 13.83 -10.04 -28.87
N ALA B 106 14.01 -11.33 -28.56
CA ALA B 106 14.76 -11.75 -27.39
C ALA B 106 16.17 -11.16 -27.50
N GLU B 107 16.73 -11.26 -28.69
CA GLU B 107 18.06 -10.74 -28.98
C GLU B 107 18.09 -9.23 -28.73
N LEU B 108 17.10 -8.53 -29.28
CA LEU B 108 16.98 -7.08 -29.14
C LEU B 108 17.03 -6.67 -27.67
N ALA B 109 16.30 -7.41 -26.84
CA ALA B 109 16.23 -7.13 -25.41
C ALA B 109 17.60 -7.21 -24.76
N VAL B 110 18.31 -8.31 -25.00
CA VAL B 110 19.63 -8.49 -24.43
C VAL B 110 20.53 -7.36 -24.91
N ALA B 111 20.54 -7.12 -26.22
CA ALA B 111 21.37 -6.09 -26.82
C ALA B 111 21.11 -4.71 -26.20
N SER B 112 19.84 -4.44 -25.90
CA SER B 112 19.43 -3.17 -25.31
C SER B 112 20.08 -2.91 -23.95
N THR B 113 20.61 -3.96 -23.32
CA THR B 113 21.21 -3.83 -22.01
C THR B 113 22.74 -3.90 -21.99
N ARG B 114 23.34 -4.04 -23.16
CA ARG B 114 24.78 -4.13 -23.24
C ARG B 114 25.41 -3.05 -24.10
N TYR B 115 26.56 -2.56 -23.64
CA TYR B 115 27.30 -1.53 -24.35
C TYR B 115 27.94 -2.13 -25.59
N PRO B 116 28.23 -1.30 -26.60
CA PRO B 116 28.86 -1.78 -27.83
C PRO B 116 30.20 -2.45 -27.50
N PRO B 117 30.58 -3.48 -28.27
CA PRO B 117 29.89 -4.05 -29.42
C PRO B 117 28.94 -5.20 -29.07
N GLU B 118 28.84 -5.53 -27.78
CA GLU B 118 27.97 -6.62 -27.35
C GLU B 118 26.51 -6.25 -27.62
N GLY B 119 26.17 -4.97 -27.41
CA GLY B 119 24.81 -4.52 -27.62
C GLY B 119 24.72 -3.08 -28.10
N ILE B 120 23.53 -2.48 -27.97
CA ILE B 120 23.29 -1.11 -28.41
C ILE B 120 23.03 -0.11 -27.27
N ARG B 121 23.32 -0.49 -26.04
CA ARG B 121 23.08 0.41 -24.91
C ARG B 121 23.84 1.73 -25.03
N GLY B 122 23.13 2.84 -24.84
CA GLY B 122 23.71 4.16 -24.90
C GLY B 122 24.68 4.42 -23.76
N VAL B 123 25.70 5.24 -23.97
CA VAL B 123 26.67 5.48 -22.91
C VAL B 123 26.61 6.84 -22.24
N SER B 124 26.58 6.81 -20.92
CA SER B 124 26.56 7.99 -20.06
C SER B 124 27.63 7.70 -19.05
N VAL B 125 28.29 8.73 -18.51
CA VAL B 125 29.37 8.50 -17.55
C VAL B 125 28.98 8.60 -16.08
N SER B 126 27.87 9.25 -15.79
CA SER B 126 27.46 9.41 -14.40
C SER B 126 25.94 9.27 -14.24
N HIS B 127 25.54 8.27 -13.46
CA HIS B 127 24.12 7.98 -13.22
C HIS B 127 24.03 7.03 -12.04
N ARG B 128 22.81 6.68 -11.65
CA ARG B 128 22.60 5.77 -10.51
C ARG B 128 23.17 4.38 -10.77
N ALA B 129 23.11 3.91 -12.02
CA ALA B 129 23.63 2.60 -12.36
C ALA B 129 25.07 2.38 -11.88
N ASN B 130 25.97 3.31 -12.17
CA ASN B 130 27.35 3.20 -11.72
C ASN B 130 27.53 4.03 -10.46
N MSE B 131 26.41 4.40 -9.85
CA MSE B 131 26.37 5.22 -8.65
C MSE B 131 27.28 6.41 -8.82
O MSE B 131 28.15 6.69 -7.98
CB MSE B 131 26.77 4.43 -7.41
CG MSE B 131 25.60 3.96 -6.55
SE MSE B 131 24.41 5.28 -5.97
CE MSE B 131 22.94 4.72 -6.82
N PHE B 132 27.10 7.10 -9.93
CA PHE B 132 27.85 8.29 -10.29
C PHE B 132 29.37 8.13 -10.24
N GLY B 133 29.87 7.12 -10.95
CA GLY B 133 31.29 6.88 -11.02
C GLY B 133 31.97 6.15 -9.87
N THR B 134 31.18 5.57 -8.97
CA THR B 134 31.77 4.88 -7.83
C THR B 134 31.89 3.36 -8.00
N VAL B 135 31.08 2.77 -8.87
CA VAL B 135 31.15 1.34 -9.10
C VAL B 135 32.40 1.00 -9.91
N ALA B 136 33.24 0.11 -9.37
CA ALA B 136 34.48 -0.30 -10.00
C ALA B 136 34.30 -1.03 -11.32
N ASP B 137 35.15 -0.72 -12.29
CA ASP B 137 35.12 -1.34 -13.62
C ASP B 137 33.68 -1.46 -14.10
N TYR B 138 32.92 -0.38 -13.96
CA TYR B 138 31.52 -0.38 -14.36
C TYR B 138 31.24 -0.89 -15.78
N PHE B 139 31.77 -0.20 -16.78
CA PHE B 139 31.54 -0.58 -18.18
C PHE B 139 31.77 -2.07 -18.40
N ALA B 140 32.96 -2.54 -18.03
CA ALA B 140 33.31 -3.94 -18.19
C ALA B 140 32.32 -4.88 -17.50
N GLN B 141 32.12 -4.68 -16.20
CA GLN B 141 31.23 -5.52 -15.41
C GLN B 141 29.73 -5.44 -15.73
N SER B 142 29.23 -4.24 -16.03
CA SER B 142 27.81 -4.06 -16.33
C SER B 142 27.28 -4.99 -17.41
N ASN B 143 28.02 -5.13 -18.51
CA ASN B 143 27.62 -5.99 -19.61
C ASN B 143 27.42 -7.46 -19.23
N LYS B 144 28.08 -7.90 -18.17
CA LYS B 144 27.91 -9.30 -17.78
C LYS B 144 27.09 -9.45 -16.51
N ASN B 145 26.47 -8.36 -16.05
CA ASN B 145 25.66 -8.40 -14.83
C ASN B 145 24.21 -7.94 -14.95
N ILE B 146 23.62 -8.07 -16.13
CA ILE B 146 22.23 -7.67 -16.35
C ILE B 146 21.34 -8.89 -16.56
N THR B 147 20.36 -9.08 -15.69
CA THR B 147 19.44 -10.21 -15.79
C THR B 147 18.30 -9.92 -16.75
N ILE B 148 18.14 -10.79 -17.75
CA ILE B 148 17.07 -10.63 -18.73
C ILE B 148 16.05 -11.75 -18.58
N LEU B 149 14.83 -11.37 -18.23
CA LEU B 149 13.75 -12.33 -18.06
C LEU B 149 12.70 -12.02 -19.12
N VAL B 150 12.53 -12.95 -20.06
CA VAL B 150 11.58 -12.78 -21.14
C VAL B 150 10.24 -13.43 -20.84
N GLN B 151 9.16 -12.78 -21.26
CA GLN B 151 7.84 -13.31 -21.02
C GLN B 151 7.29 -14.01 -22.25
N ILE B 152 6.97 -15.29 -22.09
CA ILE B 152 6.36 -16.04 -23.16
C ILE B 152 4.89 -15.99 -22.77
N GLU B 153 4.13 -15.16 -23.48
CA GLU B 153 2.72 -15.00 -23.18
C GLU B 153 1.88 -14.83 -24.42
N SER B 154 2.29 -15.48 -25.50
CA SER B 154 1.55 -15.41 -26.74
C SER B 154 1.83 -16.64 -27.58
N GLN B 155 0.90 -16.95 -28.48
CA GLN B 155 1.02 -18.10 -29.35
C GLN B 155 2.38 -18.16 -30.02
N GLN B 156 2.76 -17.07 -30.68
CA GLN B 156 4.04 -17.02 -31.38
C GLN B 156 5.21 -17.22 -30.42
N GLY B 157 5.06 -16.72 -29.20
CA GLY B 157 6.10 -16.86 -28.20
C GLY B 157 6.33 -18.31 -27.83
N VAL B 158 5.25 -19.09 -27.84
CA VAL B 158 5.32 -20.51 -27.52
C VAL B 158 5.97 -21.28 -28.66
N ASP B 159 5.57 -20.96 -29.89
CA ASP B 159 6.12 -21.62 -31.07
C ASP B 159 7.64 -21.47 -31.12
N ASN B 160 8.12 -20.31 -30.69
CA ASN B 160 9.55 -20.00 -30.72
C ASN B 160 10.24 -20.13 -29.37
N VAL B 161 9.56 -20.75 -28.41
CA VAL B 161 10.14 -20.87 -27.08
C VAL B 161 11.55 -21.43 -27.07
N ASP B 162 11.81 -22.48 -27.85
CA ASP B 162 13.15 -23.06 -27.87
C ASP B 162 14.22 -22.10 -28.38
N ALA B 163 13.93 -21.40 -29.49
CA ALA B 163 14.87 -20.44 -30.05
C ALA B 163 15.11 -19.30 -29.06
N ILE B 164 14.04 -18.85 -28.41
CA ILE B 164 14.12 -17.78 -27.44
C ILE B 164 14.97 -18.18 -26.23
N ALA B 165 14.75 -19.39 -25.73
CA ALA B 165 15.49 -19.88 -24.57
C ALA B 165 16.97 -20.12 -24.85
N ALA B 166 17.31 -20.40 -26.11
CA ALA B 166 18.69 -20.68 -26.48
C ALA B 166 19.49 -19.42 -26.79
N THR B 167 18.85 -18.27 -26.65
CA THR B 167 19.51 -17.00 -26.93
C THR B 167 20.51 -16.60 -25.85
N GLU B 168 21.73 -16.24 -26.26
CA GLU B 168 22.75 -15.81 -25.31
C GLU B 168 22.30 -14.53 -24.61
N GLY B 169 22.15 -14.58 -23.29
CA GLY B 169 21.72 -13.40 -22.58
C GLY B 169 20.38 -13.58 -21.88
N VAL B 170 19.55 -14.48 -22.39
CA VAL B 170 18.25 -14.77 -21.81
C VAL B 170 18.50 -15.56 -20.53
N ASP B 171 18.36 -14.92 -19.38
CA ASP B 171 18.64 -15.59 -18.11
C ASP B 171 17.49 -16.41 -17.52
N GLY B 172 16.29 -16.24 -18.05
CA GLY B 172 15.16 -16.98 -17.52
C GLY B 172 13.89 -16.81 -18.34
N ILE B 173 13.14 -17.89 -18.48
CA ILE B 173 11.90 -17.88 -19.25
C ILE B 173 10.72 -17.70 -18.31
N PHE B 174 10.02 -16.58 -18.47
CA PHE B 174 8.87 -16.26 -17.64
C PHE B 174 7.56 -16.42 -18.40
N VAL B 175 6.58 -17.05 -17.74
CA VAL B 175 5.28 -17.26 -18.34
C VAL B 175 4.26 -16.25 -17.83
N GLY B 176 3.54 -15.65 -18.76
CA GLY B 176 2.52 -14.68 -18.41
C GLY B 176 1.16 -15.34 -18.53
N PRO B 177 0.67 -15.95 -17.44
CA PRO B 177 -0.61 -16.66 -17.38
C PRO B 177 -1.83 -15.95 -17.98
N SER B 178 -2.10 -14.72 -17.54
CA SER B 178 -3.24 -13.99 -18.06
C SER B 178 -3.17 -13.75 -19.57
N ASP B 179 -2.01 -13.34 -20.06
CA ASP B 179 -1.87 -13.08 -21.49
C ASP B 179 -1.77 -14.32 -22.35
N LEU B 180 -1.11 -15.37 -21.85
CA LEU B 180 -1.01 -16.59 -22.64
C LEU B 180 -2.43 -17.12 -22.77
N ALA B 181 -3.15 -17.14 -21.65
CA ALA B 181 -4.53 -17.61 -21.62
C ALA B 181 -5.38 -16.90 -22.67
N ALA B 182 -5.24 -15.58 -22.76
CA ALA B 182 -5.99 -14.80 -23.74
C ALA B 182 -5.57 -15.18 -25.15
N ALA B 183 -4.28 -15.43 -25.31
CA ALA B 183 -3.73 -15.81 -26.61
C ALA B 183 -4.32 -17.13 -27.08
N LEU B 184 -4.75 -17.96 -26.14
CA LEU B 184 -5.31 -19.26 -26.45
C LEU B 184 -6.83 -19.25 -26.45
N GLY B 185 -7.42 -18.06 -26.38
CA GLY B 185 -8.86 -17.95 -26.35
C GLY B 185 -9.42 -18.40 -25.02
N HIS B 186 -8.72 -18.06 -23.94
CA HIS B 186 -9.16 -18.43 -22.59
C HIS B 186 -9.01 -17.32 -21.58
N LEU B 187 -9.35 -16.10 -22.02
CA LEU B 187 -9.28 -14.91 -21.20
C LEU B 187 -9.95 -15.12 -19.83
N GLY B 188 -9.17 -14.94 -18.77
CA GLY B 188 -9.70 -15.10 -17.43
C GLY B 188 -9.68 -16.54 -16.94
N ASN B 189 -9.36 -17.46 -17.84
CA ASN B 189 -9.31 -18.87 -17.48
C ASN B 189 -7.93 -19.47 -17.79
N ALA B 190 -6.93 -19.12 -16.98
CA ALA B 190 -5.57 -19.64 -17.18
C ALA B 190 -5.49 -21.10 -16.75
N SER B 191 -6.40 -21.48 -15.86
CA SER B 191 -6.47 -22.84 -15.34
C SER B 191 -6.97 -23.83 -16.39
N HIS B 192 -7.33 -23.32 -17.55
CA HIS B 192 -7.81 -24.19 -18.62
C HIS B 192 -6.73 -25.17 -19.06
N PRO B 193 -7.11 -26.44 -19.30
CA PRO B 193 -6.18 -27.49 -19.73
C PRO B 193 -5.29 -27.09 -20.91
N ASP B 194 -5.85 -26.35 -21.85
CA ASP B 194 -5.07 -25.90 -23.00
C ASP B 194 -3.96 -24.96 -22.57
N VAL B 195 -4.29 -24.08 -21.62
CA VAL B 195 -3.33 -23.11 -21.10
C VAL B 195 -2.28 -23.82 -20.25
N GLN B 196 -2.74 -24.61 -19.28
CA GLN B 196 -1.83 -25.35 -18.42
C GLN B 196 -0.83 -26.14 -19.24
N LYS B 197 -1.30 -26.76 -20.30
CA LYS B 197 -0.46 -27.56 -21.18
C LYS B 197 0.69 -26.73 -21.74
N ALA B 198 0.38 -25.52 -22.19
CA ALA B 198 1.40 -24.63 -22.75
C ALA B 198 2.39 -24.18 -21.68
N ILE B 199 1.89 -23.86 -20.49
CA ILE B 199 2.76 -23.43 -19.40
C ILE B 199 3.76 -24.54 -19.10
N GLN B 200 3.26 -25.77 -19.06
CA GLN B 200 4.08 -26.95 -18.79
C GLN B 200 5.13 -27.07 -19.89
N HIS B 201 4.69 -26.92 -21.12
CA HIS B 201 5.55 -27.02 -22.29
C HIS B 201 6.70 -26.00 -22.25
N ILE B 202 6.36 -24.74 -22.01
CA ILE B 202 7.35 -23.68 -21.94
C ILE B 202 8.39 -24.03 -20.87
N PHE B 203 7.92 -24.56 -19.74
CA PHE B 203 8.78 -24.96 -18.64
C PHE B 203 9.78 -26.05 -19.04
N ASN B 204 9.30 -27.04 -19.80
CA ASN B 204 10.17 -28.12 -20.25
C ASN B 204 11.18 -27.60 -21.25
N ARG B 205 10.71 -26.78 -22.19
CA ARG B 205 11.60 -26.24 -23.20
C ARG B 205 12.62 -25.30 -22.57
N ALA B 206 12.24 -24.69 -21.45
CA ALA B 206 13.13 -23.78 -20.73
C ALA B 206 14.22 -24.63 -20.08
N SER B 207 13.77 -25.63 -19.31
CA SER B 207 14.66 -26.56 -18.62
C SER B 207 15.50 -27.28 -19.67
N ALA B 208 14.89 -27.48 -20.84
CA ALA B 208 15.55 -28.15 -21.95
C ALA B 208 16.83 -27.43 -22.35
N HIS B 209 16.83 -26.10 -22.20
CA HIS B 209 18.00 -25.31 -22.55
C HIS B 209 18.79 -24.85 -21.34
N GLY B 210 18.53 -25.46 -20.19
CA GLY B 210 19.24 -25.09 -18.99
C GLY B 210 18.93 -23.68 -18.52
N LYS B 211 17.73 -23.20 -18.83
CA LYS B 211 17.29 -21.87 -18.44
C LYS B 211 16.16 -22.02 -17.43
N PRO B 212 16.28 -21.36 -16.26
CA PRO B 212 15.22 -21.47 -15.26
C PRO B 212 13.91 -20.93 -15.81
N SER B 213 12.79 -21.44 -15.30
CA SER B 213 11.47 -21.00 -15.73
C SER B 213 10.81 -20.19 -14.62
N GLY B 214 9.86 -19.34 -14.98
CA GLY B 214 9.18 -18.53 -13.99
C GLY B 214 7.75 -18.24 -14.38
N ILE B 215 6.96 -17.76 -13.42
CA ILE B 215 5.56 -17.46 -13.69
C ILE B 215 4.98 -16.65 -12.53
N LEU B 216 3.80 -16.08 -12.74
CA LEU B 216 3.13 -15.31 -11.69
C LEU B 216 1.91 -16.09 -11.19
N ALA B 217 1.94 -16.49 -9.93
CA ALA B 217 0.85 -17.28 -9.34
C ALA B 217 0.34 -16.72 -8.02
N PRO B 218 -0.61 -15.77 -8.08
CA PRO B 218 -1.21 -15.14 -6.89
C PRO B 218 -1.98 -16.12 -6.00
N VAL B 219 -2.48 -17.19 -6.60
CA VAL B 219 -3.21 -18.22 -5.85
C VAL B 219 -2.17 -19.23 -5.42
N GLU B 220 -2.14 -19.54 -4.11
CA GLU B 220 -1.17 -20.46 -3.57
C GLU B 220 -1.10 -21.82 -4.24
N ALA B 221 -2.25 -22.48 -4.36
CA ALA B 221 -2.31 -23.81 -4.97
C ALA B 221 -1.64 -23.84 -6.34
N ASP B 222 -1.74 -22.75 -7.09
CA ASP B 222 -1.13 -22.68 -8.40
C ASP B 222 0.38 -22.47 -8.26
N ALA B 223 0.76 -21.65 -7.29
CA ALA B 223 2.18 -21.37 -7.05
C ALA B 223 2.89 -22.68 -6.73
N ARG B 224 2.29 -23.47 -5.86
CA ARG B 224 2.87 -24.75 -5.46
C ARG B 224 2.90 -25.72 -6.63
N ARG B 225 1.87 -25.65 -7.46
CA ARG B 225 1.80 -26.53 -8.62
C ARG B 225 2.95 -26.25 -9.57
N TYR B 226 3.14 -24.97 -9.89
CA TYR B 226 4.20 -24.55 -10.81
C TYR B 226 5.61 -24.82 -10.24
N LEU B 227 5.74 -24.68 -8.93
CA LEU B 227 7.02 -24.95 -8.27
C LEU B 227 7.26 -26.45 -8.29
N GLU B 228 6.16 -27.21 -8.18
CA GLU B 228 6.24 -28.66 -8.20
C GLU B 228 6.72 -29.07 -9.59
N TRP B 229 6.27 -28.34 -10.60
CA TRP B 229 6.66 -28.61 -11.97
C TRP B 229 8.12 -28.23 -12.23
N GLY B 230 8.72 -27.52 -11.28
CA GLY B 230 10.11 -27.15 -11.43
C GLY B 230 10.42 -25.68 -11.73
N ALA B 231 9.41 -24.81 -11.71
CA ALA B 231 9.67 -23.39 -11.96
C ALA B 231 10.50 -22.89 -10.79
N THR B 232 11.57 -22.13 -11.07
CA THR B 232 12.41 -21.63 -9.99
C THR B 232 12.08 -20.20 -9.53
N PHE B 233 11.88 -19.26 -10.46
CA PHE B 233 11.52 -17.91 -10.01
C PHE B 233 10.04 -17.70 -10.19
N VAL B 234 9.32 -17.80 -9.08
CA VAL B 234 7.88 -17.67 -9.06
C VAL B 234 7.40 -16.50 -8.20
N ALA B 235 6.52 -15.70 -8.78
CA ALA B 235 5.96 -14.57 -8.04
C ALA B 235 4.67 -15.10 -7.44
N VAL B 236 4.65 -15.19 -6.11
CA VAL B 236 3.49 -15.71 -5.40
C VAL B 236 2.41 -14.70 -5.08
N GLY B 237 2.46 -13.53 -5.71
CA GLY B 237 1.45 -12.52 -5.46
C GLY B 237 1.88 -11.11 -5.83
N SER B 238 1.06 -10.13 -5.46
CA SER B 238 1.37 -8.72 -5.72
C SER B 238 0.98 -7.93 -4.49
N ASP B 239 1.62 -6.78 -4.31
CA ASP B 239 1.32 -5.92 -3.18
C ASP B 239 -0.12 -5.49 -3.28
N LEU B 240 -0.55 -5.22 -4.51
CA LEU B 240 -1.91 -4.78 -4.79
C LEU B 240 -2.95 -5.83 -4.37
N GLY B 241 -2.77 -7.07 -4.87
CA GLY B 241 -3.67 -8.15 -4.56
C GLY B 241 -3.68 -8.51 -3.09
N VAL B 242 -2.50 -8.48 -2.47
CA VAL B 242 -2.38 -8.79 -1.05
C VAL B 242 -3.08 -7.70 -0.24
N PHE B 243 -2.76 -6.45 -0.53
CA PHE B 243 -3.35 -5.33 0.19
C PHE B 243 -4.87 -5.34 0.03
N ARG B 244 -5.30 -5.52 -1.21
CA ARG B 244 -6.71 -5.58 -1.54
C ARG B 244 -7.41 -6.69 -0.74
N SER B 245 -6.87 -7.91 -0.85
CA SER B 245 -7.43 -9.06 -0.16
C SER B 245 -7.40 -8.96 1.36
N ALA B 246 -6.29 -8.49 1.91
CA ALA B 246 -6.14 -8.37 3.36
C ALA B 246 -7.05 -7.30 3.97
N THR B 247 -7.28 -6.21 3.24
CA THR B 247 -8.13 -5.14 3.76
C THR B 247 -9.60 -5.51 3.66
N GLN B 248 -9.93 -6.31 2.65
CA GLN B 248 -11.29 -6.78 2.44
C GLN B 248 -11.62 -7.76 3.56
N LYS B 249 -10.67 -8.65 3.83
CA LYS B 249 -10.80 -9.65 4.88
C LYS B 249 -10.99 -9.00 6.25
N LEU B 250 -10.16 -8.00 6.56
CA LEU B 250 -10.26 -7.33 7.86
C LEU B 250 -11.63 -6.68 8.03
N ALA B 251 -12.12 -6.05 6.96
CA ALA B 251 -13.42 -5.40 7.00
C ALA B 251 -14.51 -6.44 7.23
N ASP B 252 -14.44 -7.54 6.48
CA ASP B 252 -15.42 -8.60 6.57
C ASP B 252 -15.56 -9.24 7.96
N THR B 253 -14.45 -9.67 8.55
CA THR B 253 -14.49 -10.31 9.85
C THR B 253 -15.20 -9.51 10.93
N PHE B 254 -15.44 -8.22 10.68
CA PHE B 254 -16.13 -7.37 11.66
C PHE B 254 -17.44 -6.79 11.13
N LYS B 255 -17.64 -6.85 9.82
CA LYS B 255 -18.85 -6.33 9.21
C LYS B 255 -19.49 -7.41 8.36
N LYS B 256 -19.89 -8.48 9.03
CA LYS B 256 -20.51 -9.60 8.33
C LYS B 256 -21.05 -10.55 9.41
C PYR C . -2.45 5.77 20.22
O PYR C . -1.91 6.54 20.99
OXT PYR C . -2.25 4.57 20.34
CA PYR C . -3.40 6.29 19.11
O3 PYR C . -3.74 7.46 19.11
CB PYR C . -3.92 5.36 18.02
MG MG D . -1.84 8.92 19.95
C PYR E . 0.39 -12.22 -16.96
O PYR E . 0.03 -12.10 -18.13
OXT PYR E . -0.38 -12.72 -16.14
CA PYR E . 1.80 -11.76 -16.53
O3 PYR E . 2.47 -11.07 -17.27
CB PYR E . 2.36 -12.18 -15.17
MG MG F . 1.42 -10.19 -19.37
#